data_3KKF
#
_entry.id   3KKF
#
_cell.length_a   70.740
_cell.length_b   70.740
_cell.length_c   96.021
_cell.angle_alpha   90.000
_cell.angle_beta   90.000
_cell.angle_gamma   120.000
#
_symmetry.space_group_name_H-M   'H 3 2'
#
loop_
_entity.id
_entity.type
_entity.pdbx_description
1 polymer 'Putative antibiotic biosynthesis monooxygenase'
2 non-polymer 'CALCIUM ION'
3 non-polymer 'ACETATE ION'
4 non-polymer 1,2-ETHANEDIOL
5 non-polymer 'HEXAETHYLENE GLYCOL'
6 water water
#
_entity_poly.entity_id   1
_entity_poly.type   'polypeptide(L)'
_entity_poly.pdbx_seq_one_letter_code
;GAENN(MSE)VRLSRIIIDPERLEEYNAYLKEEIEVS(MSE)RLEPGVLVLYAVAEKERPNHVTILEIYADEAAYKSHIA
TPHFKKYKEGTLD(MSE)VQ(MSE)LELIDATPLIPGLK(MSE)K
;
_entity_poly.pdbx_strand_id   A
#
# COMPACT_ATOMS: atom_id res chain seq x y z
N GLY A 1 6.01 -18.88 -5.67
CA GLY A 1 6.98 -18.40 -6.67
C GLY A 1 6.27 -17.36 -7.50
N ALA A 2 6.89 -16.95 -8.59
CA ALA A 2 6.32 -15.91 -9.45
C ALA A 2 4.93 -16.17 -9.93
N GLU A 3 4.63 -17.43 -10.21
CA GLU A 3 3.35 -17.82 -10.86
C GLU A 3 2.13 -17.77 -9.98
N ASN A 4 2.27 -17.66 -8.66
CA ASN A 4 1.07 -17.50 -7.82
C ASN A 4 1.10 -16.26 -6.95
N ASN A 5 1.98 -15.29 -7.26
CA ASN A 5 2.04 -14.08 -6.46
C ASN A 5 0.75 -13.33 -6.63
N VAL A 7 -0.86 -9.96 -7.01
CA VAL A 7 -0.50 -8.64 -7.46
C VAL A 7 -1.75 -7.77 -7.47
N ARG A 8 -1.65 -6.59 -6.87
CA ARG A 8 -2.75 -5.68 -6.79
C ARG A 8 -2.29 -4.24 -6.84
N LEU A 9 -3.13 -3.38 -7.40
CA LEU A 9 -2.93 -1.95 -7.30
C LEU A 9 -3.97 -1.40 -6.38
N SER A 10 -3.54 -0.66 -5.38
CA SER A 10 -4.46 0.13 -4.54
C SER A 10 -4.37 1.56 -5.01
N ARG A 11 -5.50 2.17 -5.33
CA ARG A 11 -5.55 3.60 -5.72
CA ARG A 11 -5.55 3.59 -5.71
C ARG A 11 -6.32 4.28 -4.61
N ILE A 12 -5.70 5.29 -3.98
CA ILE A 12 -6.26 5.95 -2.83
C ILE A 12 -6.34 7.44 -3.05
N ILE A 13 -7.43 8.06 -2.58
CA ILE A 13 -7.54 9.51 -2.55
C ILE A 13 -7.68 9.86 -1.07
N ILE A 14 -6.74 10.70 -0.62
CA ILE A 14 -6.66 11.11 0.77
CA ILE A 14 -6.62 11.12 0.75
C ILE A 14 -7.16 12.55 0.94
N ASP A 15 -7.83 12.80 2.06
CA ASP A 15 -8.29 14.15 2.39
CA ASP A 15 -8.29 14.14 2.40
C ASP A 15 -7.05 15.06 2.33
N PRO A 16 -7.08 16.10 1.44
CA PRO A 16 -5.85 16.93 1.35
C PRO A 16 -5.31 17.52 2.64
N GLU A 17 -6.19 17.85 3.58
CA GLU A 17 -5.77 18.44 4.84
C GLU A 17 -5.10 17.46 5.79
N ARG A 18 -5.18 16.16 5.49
CA ARG A 18 -4.60 15.14 6.34
C ARG A 18 -3.40 14.43 5.67
N LEU A 19 -2.93 14.95 4.55
CA LEU A 19 -1.93 14.23 3.74
C LEU A 19 -0.61 13.96 4.47
N GLU A 20 -0.10 14.92 5.23
CA GLU A 20 1.15 14.73 5.96
CA GLU A 20 1.15 14.73 5.97
CA GLU A 20 1.16 14.72 5.96
C GLU A 20 1.02 13.60 6.98
N GLU A 21 -0.07 13.61 7.75
CA GLU A 21 -0.35 12.57 8.74
CA GLU A 21 -0.28 12.56 8.75
C GLU A 21 -0.46 11.20 8.05
N TYR A 22 -1.20 11.17 6.94
CA TYR A 22 -1.42 9.94 6.19
C TYR A 22 -0.08 9.35 5.73
N ASN A 23 0.76 10.18 5.12
CA ASN A 23 2.07 9.71 4.64
C ASN A 23 2.94 9.19 5.76
N ALA A 24 2.87 9.82 6.94
CA ALA A 24 3.63 9.33 8.08
C ALA A 24 3.20 7.90 8.46
N TYR A 25 1.88 7.68 8.56
CA TYR A 25 1.38 6.36 8.87
C TYR A 25 1.75 5.35 7.77
N LEU A 26 1.54 5.72 6.52
CA LEU A 26 1.80 4.82 5.41
C LEU A 26 3.25 4.41 5.28
N LYS A 27 4.17 5.39 5.33
CA LYS A 27 5.58 5.10 5.19
C LYS A 27 6.07 4.17 6.28
N GLU A 28 5.66 4.44 7.50
CA GLU A 28 6.03 3.57 8.61
C GLU A 28 5.51 2.15 8.40
N GLU A 29 4.25 2.02 8.00
CA GLU A 29 3.68 0.70 7.86
CA GLU A 29 3.63 0.71 7.79
C GLU A 29 4.36 -0.10 6.72
N ILE A 30 4.70 0.57 5.64
CA ILE A 30 5.43 -0.09 4.52
C ILE A 30 6.82 -0.51 4.99
N GLU A 31 7.52 0.38 5.69
CA GLU A 31 8.87 0.04 6.18
C GLU A 31 8.84 -1.16 7.11
N VAL A 32 7.88 -1.19 8.04
CA VAL A 32 7.77 -2.33 8.97
C VAL A 32 7.42 -3.62 8.21
N SER A 33 6.49 -3.52 7.25
CA SER A 33 6.07 -4.72 6.49
C SER A 33 7.24 -5.29 5.69
N ARG A 35 10.40 -4.96 6.32
CA ARG A 35 11.38 -5.45 7.30
CA ARG A 35 11.42 -5.51 7.21
C ARG A 35 11.02 -6.79 7.92
N LEU A 36 9.74 -6.94 8.28
CA LEU A 36 9.30 -8.09 9.06
C LEU A 36 8.64 -9.24 8.35
N GLU A 37 8.06 -9.02 7.19
CA GLU A 37 7.22 -10.04 6.54
C GLU A 37 7.84 -10.60 5.27
N PRO A 38 8.35 -11.85 5.33
CA PRO A 38 8.96 -12.40 4.12
C PRO A 38 8.00 -12.56 2.91
N GLY A 39 6.70 -12.69 3.19
CA GLY A 39 5.66 -12.82 2.18
C GLY A 39 5.21 -11.52 1.56
N VAL A 40 5.64 -10.38 2.10
CA VAL A 40 5.38 -9.06 1.47
C VAL A 40 6.59 -8.82 0.57
N LEU A 41 6.41 -8.93 -0.75
CA LEU A 41 7.50 -8.81 -1.70
C LEU A 41 7.75 -7.37 -2.10
N VAL A 42 6.69 -6.58 -2.27
CA VAL A 42 6.85 -5.13 -2.39
C VAL A 42 5.54 -4.44 -2.07
N LEU A 43 5.65 -3.25 -1.49
CA LEU A 43 4.56 -2.28 -1.33
C LEU A 43 5.22 -1.00 -1.87
N TYR A 44 5.05 -0.73 -3.16
CA TYR A 44 5.71 0.39 -3.83
C TYR A 44 4.69 1.51 -4.05
N ALA A 45 4.68 2.49 -3.13
CA ALA A 45 3.73 3.59 -3.15
C ALA A 45 4.30 4.79 -3.89
N VAL A 46 3.46 5.42 -4.71
CA VAL A 46 3.82 6.67 -5.39
C VAL A 46 2.67 7.67 -5.26
N ALA A 47 3.04 8.95 -5.21
CA ALA A 47 2.07 10.05 -5.17
C ALA A 47 2.10 10.77 -6.52
N GLU A 48 0.96 11.10 -7.06
CA GLU A 48 0.90 11.81 -8.33
C GLU A 48 1.49 13.23 -8.13
N LYS A 49 2.43 13.66 -8.97
CA LYS A 49 3.02 14.99 -8.79
CA LYS A 49 3.02 14.99 -8.82
C LYS A 49 1.99 16.12 -8.98
N GLU A 50 1.01 15.93 -9.87
CA GLU A 50 -0.06 16.95 -10.08
CA GLU A 50 -0.01 16.95 -10.11
C GLU A 50 -1.10 16.96 -9.00
N ARG A 51 -1.27 15.84 -8.32
CA ARG A 51 -2.30 15.69 -7.26
CA ARG A 51 -2.30 15.65 -7.30
C ARG A 51 -1.72 14.78 -6.18
N PRO A 52 -0.91 15.36 -5.27
CA PRO A 52 -0.18 14.57 -4.27
C PRO A 52 -1.00 13.75 -3.28
N ASN A 53 -2.30 14.07 -3.17
CA ASN A 53 -3.21 13.27 -2.33
C ASN A 53 -3.81 12.06 -3.06
N HIS A 54 -3.37 11.85 -4.30
CA HIS A 54 -3.73 10.66 -5.09
C HIS A 54 -2.49 9.74 -5.05
N VAL A 55 -2.60 8.64 -4.32
CA VAL A 55 -1.54 7.69 -4.12
C VAL A 55 -1.91 6.32 -4.77
N THR A 56 -0.97 5.73 -5.49
CA THR A 56 -1.13 4.40 -6.04
C THR A 56 -0.06 3.51 -5.43
N ILE A 57 -0.45 2.33 -4.96
CA ILE A 57 0.49 1.38 -4.42
C ILE A 57 0.49 0.08 -5.25
N LEU A 58 1.66 -0.29 -5.76
CA LEU A 58 1.85 -1.61 -6.38
C LEU A 58 2.17 -2.56 -5.22
N GLU A 59 1.29 -3.52 -5.03
CA GLU A 59 1.38 -4.53 -3.96
CA GLU A 59 1.43 -4.51 -3.97
C GLU A 59 1.67 -5.88 -4.55
N ILE A 60 2.73 -6.54 -4.06
CA ILE A 60 3.03 -7.91 -4.51
C ILE A 60 3.24 -8.75 -3.24
N TYR A 61 2.38 -9.76 -3.05
CA TYR A 61 2.47 -10.68 -1.95
C TYR A 61 2.85 -12.05 -2.49
N ALA A 62 3.58 -12.85 -1.70
CA ALA A 62 4.00 -14.17 -2.17
C ALA A 62 2.82 -15.07 -2.56
N ASP A 63 1.71 -14.91 -1.87
CA ASP A 63 0.48 -15.69 -2.10
C ASP A 63 -0.65 -15.04 -1.27
N GLU A 64 -1.88 -15.55 -1.38
CA GLU A 64 -2.98 -14.99 -0.62
C GLU A 64 -2.82 -15.21 0.89
N ALA A 65 -2.16 -16.31 1.32
CA ALA A 65 -1.88 -16.54 2.74
C ALA A 65 -1.03 -15.40 3.30
N ALA A 66 -0.02 -14.95 2.53
CA ALA A 66 0.82 -13.84 2.96
C ALA A 66 0.02 -12.56 3.12
N TYR A 67 -0.89 -12.31 2.20
CA TYR A 67 -1.75 -11.14 2.26
C TYR A 67 -2.66 -11.17 3.52
N LYS A 68 -3.30 -12.33 3.75
CA LYS A 68 -4.17 -12.46 4.91
CA LYS A 68 -4.15 -12.54 4.92
C LYS A 68 -3.38 -12.29 6.21
N SER A 69 -2.17 -12.81 6.27
CA SER A 69 -1.34 -12.61 7.46
C SER A 69 -0.99 -11.08 7.63
N HIS A 70 -0.63 -10.43 6.53
CA HIS A 70 -0.29 -9.02 6.54
C HIS A 70 -1.40 -8.14 7.14
N ILE A 71 -2.66 -8.37 6.74
CA ILE A 71 -3.74 -7.52 7.22
C ILE A 71 -4.16 -7.82 8.67
N ALA A 72 -3.61 -8.89 9.26
CA ALA A 72 -3.81 -9.19 10.68
C ALA A 72 -2.68 -8.64 11.57
N THR A 73 -1.64 -8.06 10.97
CA THR A 73 -0.50 -7.60 11.78
C THR A 73 -0.82 -6.30 12.58
N PRO A 74 -0.13 -6.12 13.74
CA PRO A 74 -0.36 -4.89 14.47
C PRO A 74 0.03 -3.64 13.68
N HIS A 75 1.08 -3.73 12.85
CA HIS A 75 1.49 -2.55 12.08
C HIS A 75 0.44 -2.19 11.01
N PHE A 76 -0.12 -3.18 10.32
CA PHE A 76 -1.19 -2.87 9.37
C PHE A 76 -2.39 -2.26 10.11
N LYS A 77 -2.73 -2.81 11.28
CA LYS A 77 -3.85 -2.32 12.13
CA LYS A 77 -3.89 -2.28 12.00
C LYS A 77 -3.68 -0.84 12.49
N LYS A 78 -2.46 -0.50 12.90
CA LYS A 78 -2.16 0.89 13.29
C LYS A 78 -2.45 1.83 12.10
N TYR A 79 -1.96 1.45 10.91
CA TYR A 79 -2.20 2.22 9.70
C TYR A 79 -3.68 2.30 9.33
N LYS A 80 -4.35 1.15 9.28
CA LYS A 80 -5.75 1.10 8.87
C LYS A 80 -6.65 1.94 9.82
N GLU A 81 -6.46 1.77 11.12
CA GLU A 81 -7.24 2.53 12.13
C GLU A 81 -6.83 4.03 12.17
N GLY A 82 -5.54 4.30 12.10
CA GLY A 82 -5.06 5.65 12.15
C GLY A 82 -5.50 6.51 10.99
N THR A 83 -5.66 5.92 9.81
CA THR A 83 -6.02 6.65 8.61
C THR A 83 -7.46 6.51 8.15
N LEU A 84 -8.28 5.80 8.92
CA LEU A 84 -9.67 5.54 8.51
CA LEU A 84 -9.71 5.57 8.59
C LEU A 84 -10.44 6.83 8.15
N ASP A 85 -10.32 7.88 8.96
CA ASP A 85 -11.02 9.14 8.71
C ASP A 85 -10.37 10.03 7.65
N VAL A 87 -9.27 8.70 4.46
CA VAL A 87 -9.41 8.12 3.12
C VAL A 87 -10.79 8.46 2.50
N GLN A 88 -10.77 9.12 1.37
CA GLN A 88 -11.96 9.51 0.64
C GLN A 88 -12.36 8.47 -0.42
N LEU A 90 -11.00 4.44 -2.01
CA LEU A 90 -10.07 3.30 -2.03
C LEU A 90 -10.53 2.38 -3.16
N GLU A 91 -9.67 2.16 -4.16
CA GLU A 91 -9.94 1.23 -5.25
CA GLU A 91 -9.91 1.24 -5.29
C GLU A 91 -8.94 0.09 -5.13
N LEU A 92 -9.44 -1.14 -5.11
CA LEU A 92 -8.61 -2.33 -4.95
C LEU A 92 -8.70 -3.09 -6.27
N ILE A 93 -7.62 -3.03 -7.04
CA ILE A 93 -7.58 -3.57 -8.40
C ILE A 93 -6.69 -4.80 -8.49
N ASP A 94 -7.31 -5.98 -8.48
CA ASP A 94 -6.57 -7.22 -8.66
C ASP A 94 -6.03 -7.20 -10.10
N ALA A 95 -4.77 -7.62 -10.29
CA ALA A 95 -4.13 -7.48 -11.60
C ALA A 95 -3.22 -8.64 -11.92
N THR A 96 -2.98 -8.82 -13.22
CA THR A 96 -2.10 -9.88 -13.71
C THR A 96 -0.85 -9.27 -14.28
N PRO A 97 0.32 -9.59 -13.73
CA PRO A 97 1.54 -9.03 -14.31
C PRO A 97 1.83 -9.63 -15.69
N LEU A 98 2.24 -8.80 -16.63
CA LEU A 98 2.55 -9.29 -18.00
C LEU A 98 3.75 -10.20 -17.99
N ILE A 99 4.71 -9.91 -17.12
CA ILE A 99 5.92 -10.71 -16.94
C ILE A 99 6.03 -11.08 -15.45
N PRO A 100 5.42 -12.21 -15.05
CA PRO A 100 5.46 -12.62 -13.65
C PRO A 100 6.88 -12.74 -13.16
N GLY A 101 7.17 -12.20 -11.98
CA GLY A 101 8.55 -12.28 -11.44
C GLY A 101 9.58 -11.28 -11.99
N LEU A 102 9.17 -10.35 -12.87
CA LEU A 102 10.08 -9.31 -13.34
C LEU A 102 10.45 -8.46 -12.10
N LYS A 103 11.77 -8.18 -11.96
CA LYS A 103 12.27 -7.39 -10.83
CA LYS A 103 12.34 -7.41 -10.84
C LYS A 103 12.91 -6.08 -11.32
N LYS A 105 15.82 -3.34 -11.52
CA LYS A 105 17.28 -3.34 -11.51
C LYS A 105 17.70 -2.31 -10.44
#